data_8IWM
#
_entry.id   8IWM
#
_cell.length_a   1.00
_cell.length_b   1.00
_cell.length_c   1.00
_cell.angle_alpha   90.00
_cell.angle_beta   90.00
_cell.angle_gamma   90.00
#
_symmetry.space_group_name_H-M   'P 1'
#
loop_
_entity.id
_entity.type
_entity.pdbx_description
1 polymer 'Trace amine-associated receptor 9'
2 non-polymer 2-PHENYLETHYLAMINE
#
_entity_poly.entity_id   1
_entity_poly.type   'polypeptide(L)'
_entity_poly.pdbx_seq_one_letter_code
;MTSDFSPEPPMELCYENVNGSCIKSSYAPWPRAILYGVLGLGALLAVFGNLLVIIAILHFKQLHTPTNFLVASLACADFL
VGVTVMPFSTVRSVESCWYFGESYCKFHTCFDTSFCFASLFHLCCISIDRYIAVTDPLTYPTKFTVSVSGLCIALSWFFS
VTYSFSIFYTGANEEGIEELVVALTCVGGCQAPLNQNWVLLCFLLFFLPTVVMVFLYGRIFLVAKYQARKIEGTANQAQA
SSESYKERVAKRERKAAKTLGIAMAAFLVSWLPYIIDAVIDAYMNFITPAYVYEILVWCVYYNSAMNPLIYAFFYPWFRK
AIKLIVSGKVFRADSSTTNLFSEEAGAG
;
_entity_poly.pdbx_strand_id   R
#
loop_
_chem_comp.id
_chem_comp.type
_chem_comp.name
_chem_comp.formula
PEA non-polymer 2-PHENYLETHYLAMINE 'C8 H12 N 1'
#
# COMPACT_ATOMS: atom_id res chain seq x y z
N TYR A 36 -14.60 -16.34 -7.64
CA TYR A 36 -13.76 -17.24 -6.86
C TYR A 36 -12.51 -17.62 -7.65
N GLY A 37 -11.66 -18.45 -7.04
CA GLY A 37 -10.44 -18.90 -7.69
C GLY A 37 -9.27 -17.98 -7.48
N VAL A 38 -9.01 -17.11 -8.46
CA VAL A 38 -7.88 -16.19 -8.36
C VAL A 38 -8.07 -15.24 -7.18
N LEU A 39 -9.28 -14.72 -7.04
CA LEU A 39 -9.55 -13.78 -5.95
C LEU A 39 -9.37 -14.44 -4.59
N GLY A 40 -9.79 -15.70 -4.46
CA GLY A 40 -9.61 -16.40 -3.20
C GLY A 40 -8.16 -16.61 -2.84
N LEU A 41 -7.32 -16.93 -3.83
CA LEU A 41 -5.90 -17.13 -3.57
C LEU A 41 -5.25 -15.86 -3.05
N GLY A 42 -5.60 -14.71 -3.64
CA GLY A 42 -5.03 -13.46 -3.18
C GLY A 42 -5.41 -13.13 -1.74
N ALA A 43 -6.56 -13.63 -1.28
CA ALA A 43 -6.96 -13.40 0.10
C ALA A 43 -6.14 -14.28 1.04
N LEU A 44 -5.89 -15.53 0.66
CA LEU A 44 -5.10 -16.42 1.51
C LEU A 44 -3.67 -15.90 1.67
N LEU A 45 -3.06 -15.43 0.58
CA LEU A 45 -1.69 -14.94 0.65
C LEU A 45 -1.59 -13.71 1.53
N ALA A 46 -2.59 -12.83 1.46
CA ALA A 46 -2.57 -11.59 2.24
C ALA A 46 -2.72 -11.83 3.73
N VAL A 47 -3.08 -13.04 4.16
CA VAL A 47 -3.22 -13.36 5.57
C VAL A 47 -2.23 -14.45 6.01
N PHE A 48 -2.08 -15.52 5.21
CA PHE A 48 -1.15 -16.57 5.57
C PHE A 48 0.30 -16.10 5.43
N GLY A 49 0.61 -15.46 4.32
CA GLY A 49 1.95 -14.93 4.11
C GLY A 49 2.26 -13.68 4.90
N ASN A 50 1.26 -13.10 5.55
CA ASN A 50 1.45 -11.93 6.39
C ASN A 50 1.43 -12.26 7.88
N LEU A 51 0.69 -13.29 8.29
CA LEU A 51 0.67 -13.66 9.70
C LEU A 51 2.06 -14.06 10.19
N LEU A 52 2.90 -14.59 9.29
CA LEU A 52 4.25 -14.98 9.68
C LEU A 52 5.06 -13.77 10.14
N VAL A 53 4.95 -12.66 9.42
CA VAL A 53 5.75 -11.48 9.76
C VAL A 53 5.31 -10.89 11.09
N ILE A 54 4.00 -10.82 11.33
CA ILE A 54 3.52 -10.20 12.57
C ILE A 54 3.66 -11.13 13.77
N ILE A 55 3.68 -12.45 13.56
CA ILE A 55 3.90 -13.37 14.67
C ILE A 55 5.37 -13.46 15.03
N ALA A 56 6.24 -13.49 14.04
CA ALA A 56 7.67 -13.75 14.24
C ALA A 56 8.46 -12.47 14.48
N ILE A 57 7.84 -11.44 15.04
CA ILE A 57 8.56 -10.24 15.46
C ILE A 57 8.30 -10.02 16.94
N LEU A 58 7.03 -10.11 17.34
CA LEU A 58 6.69 -9.93 18.75
C LEU A 58 7.24 -11.06 19.61
N HIS A 59 7.18 -12.30 19.09
CA HIS A 59 7.64 -13.44 19.89
C HIS A 59 9.15 -13.47 20.01
N PHE A 60 9.86 -13.04 18.96
CA PHE A 60 11.32 -13.13 18.91
C PHE A 60 11.93 -11.83 19.40
N LYS A 61 12.74 -11.91 20.45
CA LYS A 61 13.48 -10.75 20.92
C LYS A 61 14.72 -10.47 20.10
N GLN A 62 15.13 -11.42 19.25
CA GLN A 62 16.28 -11.19 18.38
C GLN A 62 15.97 -10.18 17.30
N LEU A 63 14.69 -9.99 16.96
CA LEU A 63 14.27 -9.13 15.87
C LEU A 63 13.50 -7.91 16.36
N HIS A 64 13.81 -7.42 17.56
CA HIS A 64 13.12 -6.28 18.14
C HIS A 64 13.77 -4.95 17.76
N THR A 65 14.47 -4.90 16.63
CA THR A 65 15.11 -3.67 16.20
C THR A 65 14.07 -2.63 15.79
N PRO A 66 14.35 -1.34 16.03
CA PRO A 66 13.37 -0.31 15.70
C PRO A 66 12.96 -0.28 14.24
N THR A 67 13.85 -0.65 13.33
CA THR A 67 13.48 -0.71 11.92
C THR A 67 12.50 -1.84 11.64
N ASN A 68 12.53 -2.89 12.44
CA ASN A 68 11.64 -4.03 12.22
C ASN A 68 10.23 -3.80 12.76
N PHE A 69 10.03 -2.79 13.57
CA PHE A 69 8.68 -2.49 14.05
C PHE A 69 7.83 -1.83 12.97
N LEU A 70 8.46 -1.09 12.06
CA LEU A 70 7.75 -0.53 10.92
C LEU A 70 7.23 -1.63 10.01
N VAL A 71 8.02 -2.68 9.82
CA VAL A 71 7.58 -3.82 9.02
C VAL A 71 6.40 -4.51 9.69
N ALA A 72 6.39 -4.57 11.02
CA ALA A 72 5.25 -5.16 11.72
C ALA A 72 3.98 -4.37 11.50
N SER A 73 4.07 -3.03 11.56
CA SER A 73 2.90 -2.19 11.32
C SER A 73 2.40 -2.35 9.88
N LEU A 74 3.32 -2.39 8.92
CA LEU A 74 2.93 -2.63 7.53
C LEU A 74 2.24 -3.97 7.38
N ALA A 75 2.75 -5.00 8.07
CA ALA A 75 2.12 -6.31 8.03
C ALA A 75 0.72 -6.27 8.62
N CYS A 76 0.53 -5.53 9.71
CA CYS A 76 -0.79 -5.41 10.30
C CYS A 76 -1.77 -4.75 9.33
N ALA A 77 -1.32 -3.68 8.66
CA ALA A 77 -2.20 -3.03 7.68
C ALA A 77 -2.57 -3.97 6.54
N ASP A 78 -1.60 -4.73 6.02
CA ASP A 78 -1.89 -5.66 4.94
C ASP A 78 -2.82 -6.78 5.42
N PHE A 79 -2.63 -7.25 6.65
CA PHE A 79 -3.51 -8.28 7.20
C PHE A 79 -4.94 -7.78 7.32
N LEU A 80 -5.10 -6.54 7.79
CA LEU A 80 -6.44 -5.96 7.87
C LEU A 80 -7.07 -5.81 6.49
N VAL A 81 -6.29 -5.44 5.48
CA VAL A 81 -6.81 -5.44 4.12
C VAL A 81 -7.29 -6.82 3.73
N GLY A 82 -6.50 -7.85 4.05
CA GLY A 82 -6.85 -9.20 3.67
C GLY A 82 -8.06 -9.77 4.38
N VAL A 83 -8.34 -9.29 5.60
CA VAL A 83 -9.43 -9.89 6.38
C VAL A 83 -10.72 -9.10 6.22
N THR A 84 -10.62 -7.78 6.09
CA THR A 84 -11.79 -6.91 6.22
C THR A 84 -12.32 -6.44 4.88
N VAL A 85 -11.50 -5.79 4.06
CA VAL A 85 -12.00 -5.15 2.85
C VAL A 85 -12.02 -6.11 1.67
N MET A 86 -11.14 -7.11 1.68
CA MET A 86 -11.01 -7.96 0.51
C MET A 86 -12.14 -8.98 0.39
N PRO A 87 -12.52 -9.71 1.45
CA PRO A 87 -13.64 -10.66 1.30
C PRO A 87 -14.94 -10.00 0.87
N PHE A 88 -15.23 -8.80 1.37
CA PHE A 88 -16.46 -8.11 0.98
C PHE A 88 -16.39 -7.64 -0.46
N SER A 89 -15.23 -7.16 -0.89
CA SER A 89 -15.07 -6.72 -2.28
C SER A 89 -14.99 -7.89 -3.24
N THR A 90 -14.78 -9.11 -2.74
CA THR A 90 -14.76 -10.28 -3.61
C THR A 90 -16.13 -10.51 -4.27
N VAL A 91 -17.19 -10.56 -3.47
CA VAL A 91 -18.51 -10.77 -4.03
C VAL A 91 -18.96 -9.56 -4.84
N ARG A 92 -18.49 -8.37 -4.46
CA ARG A 92 -18.86 -7.17 -5.20
C ARG A 92 -18.35 -7.23 -6.64
N SER A 93 -17.22 -7.90 -6.86
CA SER A 93 -16.63 -7.97 -8.19
C SER A 93 -17.09 -9.18 -8.98
N VAL A 94 -17.87 -10.08 -8.38
CA VAL A 94 -18.37 -11.24 -9.09
C VAL A 94 -19.88 -11.20 -9.30
N GLU A 95 -20.61 -10.34 -8.61
CA GLU A 95 -22.04 -10.17 -8.82
C GLU A 95 -22.39 -8.81 -9.41
N SER A 96 -21.42 -7.90 -9.52
CA SER A 96 -21.61 -6.59 -10.13
C SER A 96 -22.71 -5.80 -9.42
N CYS A 97 -22.85 -6.00 -8.11
CA CYS A 97 -23.87 -5.30 -7.35
C CYS A 97 -23.50 -5.33 -5.87
N TRP A 98 -23.91 -4.29 -5.15
CA TRP A 98 -23.67 -4.20 -3.71
C TRP A 98 -24.86 -4.82 -3.01
N TYR A 99 -24.77 -6.13 -2.77
CA TYR A 99 -25.87 -6.85 -2.12
C TYR A 99 -26.09 -6.38 -0.68
N PHE A 100 -25.04 -5.87 -0.04
CA PHE A 100 -25.07 -5.64 1.41
C PHE A 100 -25.54 -4.23 1.73
N GLY A 101 -26.68 -3.86 1.16
CA GLY A 101 -27.29 -2.59 1.50
C GLY A 101 -26.48 -1.40 1.03
N GLU A 102 -26.70 -0.28 1.70
CA GLU A 102 -26.07 0.99 1.36
C GLU A 102 -25.17 1.54 2.46
N SER A 103 -25.49 1.26 3.72
CA SER A 103 -24.62 1.67 4.79
C SER A 103 -23.29 0.94 4.63
N TYR A 104 -23.36 -0.34 4.31
CA TYR A 104 -22.15 -1.11 4.12
C TYR A 104 -21.25 -0.36 3.16
N CYS A 105 -21.81 0.10 2.05
CA CYS A 105 -21.03 0.83 1.06
C CYS A 105 -20.47 2.12 1.60
N LYS A 106 -21.34 2.98 2.11
CA LYS A 106 -20.92 4.27 2.64
C LYS A 106 -19.78 4.06 3.63
N PHE A 107 -19.65 2.83 4.11
CA PHE A 107 -18.59 2.52 5.07
C PHE A 107 -17.49 1.70 4.44
N HIS A 108 -17.86 0.72 3.63
CA HIS A 108 -16.83 -0.15 3.06
C HIS A 108 -15.80 0.64 2.26
N THR A 109 -16.23 1.71 1.59
CA THR A 109 -15.32 2.48 0.74
C THR A 109 -14.35 3.30 1.57
N CYS A 110 -14.85 3.97 2.61
CA CYS A 110 -14.02 4.97 3.29
C CYS A 110 -12.79 4.34 3.94
N PHE A 111 -12.95 3.21 4.61
CA PHE A 111 -11.77 2.60 5.22
C PHE A 111 -10.88 1.91 4.20
N ASP A 112 -11.45 1.57 3.04
CA ASP A 112 -10.64 0.99 1.97
C ASP A 112 -9.67 2.10 1.56
N THR A 113 -10.21 3.26 1.20
CA THR A 113 -9.37 4.40 0.86
C THR A 113 -8.47 4.79 2.02
N SER A 114 -8.88 4.49 3.25
CA SER A 114 -8.11 4.91 4.41
C SER A 114 -6.85 4.09 4.57
N PHE A 115 -6.99 2.80 4.82
CA PHE A 115 -5.85 1.96 5.15
C PHE A 115 -5.42 1.07 4.00
N CYS A 116 -5.97 1.29 2.80
CA CYS A 116 -5.32 0.85 1.58
C CYS A 116 -4.28 1.85 1.11
N PHE A 117 -4.45 3.11 1.49
CA PHE A 117 -3.44 4.14 1.30
C PHE A 117 -2.50 4.26 2.49
N ALA A 118 -2.75 3.51 3.56
CA ALA A 118 -1.79 3.46 4.66
C ALA A 118 -0.69 2.44 4.41
N SER A 119 -0.86 1.56 3.42
CA SER A 119 0.24 0.69 3.02
C SER A 119 1.30 1.48 2.26
N LEU A 120 0.92 2.56 1.58
CA LEU A 120 1.88 3.34 0.82
C LEU A 120 2.78 4.15 1.74
N PHE A 121 2.23 4.74 2.81
CA PHE A 121 3.05 5.52 3.72
C PHE A 121 4.11 4.67 4.38
N HIS A 122 3.81 3.41 4.66
CA HIS A 122 4.80 2.53 5.25
C HIS A 122 5.96 2.30 4.29
N LEU A 123 5.67 2.12 3.00
CA LEU A 123 6.73 2.00 2.01
C LEU A 123 7.55 3.29 1.91
N CYS A 124 6.87 4.42 1.93
CA CYS A 124 7.56 5.70 1.88
C CYS A 124 8.52 5.84 3.05
N CYS A 125 8.10 5.39 4.23
CA CYS A 125 8.94 5.51 5.41
C CYS A 125 10.05 4.47 5.47
N ILE A 126 9.81 3.27 4.92
CA ILE A 126 10.89 2.30 4.80
C ILE A 126 11.97 2.83 3.86
N SER A 127 11.57 3.54 2.82
CA SER A 127 12.54 4.17 1.93
C SER A 127 13.40 5.18 2.68
N ILE A 128 12.77 6.01 3.50
CA ILE A 128 13.50 7.00 4.27
C ILE A 128 14.46 6.28 5.21
N ASP A 129 14.02 5.13 5.71
CA ASP A 129 14.89 4.35 6.56
C ASP A 129 16.15 4.00 5.80
N ARG A 130 15.99 3.32 4.68
CA ARG A 130 17.15 2.91 3.89
C ARG A 130 18.05 4.09 3.56
N TYR A 131 17.45 5.22 3.22
CA TYR A 131 18.23 6.40 2.86
C TYR A 131 19.05 6.89 4.04
N ILE A 132 18.47 6.93 5.24
CA ILE A 132 19.25 7.34 6.40
C ILE A 132 20.33 6.30 6.71
N ALA A 133 20.03 5.02 6.52
CA ALA A 133 21.02 3.99 6.80
C ALA A 133 22.23 4.10 5.88
N VAL A 134 22.01 4.35 4.60
CA VAL A 134 23.07 4.28 3.60
C VAL A 134 23.75 5.63 3.38
N THR A 135 22.96 6.68 3.14
CA THR A 135 23.54 7.99 2.86
C THR A 135 24.31 8.52 4.06
N ASP A 136 23.78 8.33 5.26
CA ASP A 136 24.37 8.85 6.50
C ASP A 136 24.59 7.69 7.45
N PRO A 137 25.66 6.91 7.25
CA PRO A 137 25.81 5.68 8.03
C PRO A 137 26.40 5.89 9.41
N LEU A 138 27.01 7.03 9.68
CA LEU A 138 27.58 7.26 11.00
C LEU A 138 26.52 7.43 12.07
N THR A 139 25.35 7.96 11.71
CA THR A 139 24.36 8.32 12.71
C THR A 139 23.03 7.60 12.48
N TYR A 140 23.08 6.31 12.16
CA TYR A 140 21.86 5.58 11.86
C TYR A 140 21.13 5.20 13.16
N PRO A 141 21.82 4.61 14.14
CA PRO A 141 21.14 4.30 15.41
C PRO A 141 20.81 5.57 16.21
N THR A 142 21.50 6.67 15.97
CA THR A 142 21.25 7.91 16.69
C THR A 142 19.93 8.54 16.23
N LYS A 143 19.68 8.55 14.93
CA LYS A 143 18.44 9.16 14.43
C LYS A 143 17.27 8.19 14.43
N PHE A 144 17.51 6.91 14.17
CA PHE A 144 16.43 5.94 14.05
C PHE A 144 16.27 5.15 15.34
N THR A 145 15.74 5.81 16.36
CA THR A 145 15.47 5.11 17.60
C THR A 145 14.07 4.57 17.52
N VAL A 146 13.58 3.94 18.59
CA VAL A 146 12.21 3.46 18.58
C VAL A 146 11.25 4.64 18.65
N SER A 147 11.66 5.73 19.29
CA SER A 147 10.80 6.90 19.43
C SER A 147 10.40 7.43 18.06
N VAL A 148 11.28 7.29 17.09
CA VAL A 148 11.01 7.81 15.75
C VAL A 148 10.21 6.82 14.92
N SER A 149 10.54 5.53 15.00
CA SER A 149 9.74 4.52 14.34
C SER A 149 8.35 4.38 14.96
N GLY A 150 8.13 4.94 16.14
CA GLY A 150 6.80 4.97 16.73
C GLY A 150 6.02 6.19 16.29
N LEU A 151 6.73 7.23 15.85
CA LEU A 151 6.08 8.39 15.27
C LEU A 151 5.71 8.21 13.81
N CYS A 152 6.40 7.30 13.10
CA CYS A 152 6.03 7.00 11.73
C CYS A 152 4.79 6.14 11.66
N ILE A 153 4.58 5.24 12.62
CA ILE A 153 3.40 4.38 12.60
C ILE A 153 2.15 5.20 12.90
N ALA A 154 2.22 6.10 13.88
CA ALA A 154 1.07 6.94 14.19
C ALA A 154 0.69 7.81 13.01
N LEU A 155 1.67 8.40 12.35
CA LEU A 155 1.37 9.20 11.16
C LEU A 155 0.78 8.32 10.06
N SER A 156 1.41 7.18 9.79
CA SER A 156 0.94 6.30 8.73
C SER A 156 -0.47 5.76 8.98
N TRP A 157 -0.88 5.68 10.24
CA TRP A 157 -2.18 5.11 10.57
C TRP A 157 -3.28 6.14 10.71
N PHE A 158 -2.98 7.29 11.32
CA PHE A 158 -4.03 8.26 11.64
C PHE A 158 -4.30 9.21 10.48
N PHE A 159 -3.24 9.72 9.86
CA PHE A 159 -3.40 10.67 8.76
C PHE A 159 -4.07 10.00 7.57
N SER A 160 -3.70 8.76 7.28
CA SER A 160 -4.29 8.04 6.16
C SER A 160 -5.77 7.72 6.37
N VAL A 161 -6.27 7.94 7.58
CA VAL A 161 -7.66 7.63 7.91
C VAL A 161 -8.50 8.89 8.06
N THR A 162 -7.94 9.94 8.65
CA THR A 162 -8.72 11.14 8.91
C THR A 162 -9.10 11.90 7.64
N TYR A 163 -8.33 11.70 6.57
CA TYR A 163 -8.61 12.35 5.30
C TYR A 163 -9.62 11.55 4.49
N SER A 164 -9.61 10.23 4.69
CA SER A 164 -10.57 9.36 4.01
C SER A 164 -11.95 9.52 4.60
N PHE A 165 -12.06 9.34 5.91
CA PHE A 165 -13.37 9.43 6.55
C PHE A 165 -13.96 10.83 6.44
N SER A 166 -13.15 11.83 6.10
CA SER A 166 -13.65 13.17 5.84
C SER A 166 -14.01 13.41 4.39
N ILE A 167 -13.88 12.41 3.53
CA ILE A 167 -14.21 12.52 2.12
C ILE A 167 -15.44 11.70 1.76
N PHE A 168 -15.52 10.47 2.28
CA PHE A 168 -16.65 9.61 1.93
C PHE A 168 -17.92 10.01 2.69
N TYR A 169 -17.79 10.43 3.95
CA TYR A 169 -18.96 10.73 4.77
C TYR A 169 -19.38 12.19 4.67
N THR A 170 -18.43 13.12 4.80
CA THR A 170 -18.77 14.54 4.76
C THR A 170 -19.36 14.95 3.42
N GLY A 171 -19.10 14.20 2.36
CA GLY A 171 -19.64 14.53 1.05
C GLY A 171 -18.74 15.38 0.19
N ALA A 172 -17.53 15.67 0.64
CA ALA A 172 -16.56 16.38 -0.19
C ALA A 172 -16.06 15.54 -1.34
N ASN A 173 -16.37 14.24 -1.35
CA ASN A 173 -15.96 13.38 -2.46
C ASN A 173 -16.60 13.82 -3.76
N GLU A 174 -17.88 14.15 -3.73
CA GLU A 174 -18.64 14.53 -4.92
C GLU A 174 -19.17 15.95 -4.77
N GLU A 175 -18.70 16.86 -5.62
CA GLU A 175 -19.28 18.19 -5.72
C GLU A 175 -20.46 18.23 -6.69
N GLY A 176 -20.46 17.37 -7.69
CA GLY A 176 -21.61 17.20 -8.55
C GLY A 176 -22.19 15.81 -8.40
N ILE A 177 -23.36 15.71 -7.77
CA ILE A 177 -23.96 14.42 -7.44
C ILE A 177 -24.95 13.95 -8.49
N GLU A 178 -25.42 14.83 -9.36
CA GLU A 178 -26.40 14.45 -10.37
C GLU A 178 -25.85 13.37 -11.29
N GLU A 179 -24.61 13.55 -11.75
CA GLU A 179 -23.98 12.53 -12.59
C GLU A 179 -23.58 11.30 -11.79
N LEU A 180 -23.32 11.47 -10.48
CA LEU A 180 -22.94 10.35 -9.65
C LEU A 180 -24.08 9.34 -9.51
N VAL A 181 -25.31 9.84 -9.36
CA VAL A 181 -26.43 8.97 -9.07
C VAL A 181 -26.71 8.04 -10.25
N VAL A 182 -26.80 8.60 -11.44
CA VAL A 182 -27.16 7.79 -12.61
C VAL A 182 -26.18 6.67 -12.89
N ALA A 183 -24.89 6.96 -12.87
CA ALA A 183 -23.90 5.95 -13.24
C ALA A 183 -23.68 4.93 -12.13
N LEU A 184 -23.78 5.34 -10.86
CA LEU A 184 -23.38 4.51 -9.73
C LEU A 184 -24.56 3.85 -9.03
N THR A 185 -25.53 4.64 -8.58
CA THR A 185 -26.53 4.10 -7.66
C THR A 185 -27.61 3.30 -8.38
N CYS A 186 -28.23 3.88 -9.42
CA CYS A 186 -29.39 3.25 -10.04
C CYS A 186 -29.04 1.88 -10.61
N VAL A 187 -27.90 1.77 -11.30
CA VAL A 187 -27.48 0.48 -11.80
C VAL A 187 -27.13 -0.46 -10.64
N GLY A 188 -26.60 0.09 -9.56
CA GLY A 188 -26.16 -0.69 -8.41
C GLY A 188 -24.64 -0.73 -8.33
N GLY A 189 -24.13 -1.47 -7.35
CA GLY A 189 -22.69 -1.56 -7.17
C GLY A 189 -22.05 -0.30 -6.64
N CYS A 190 -20.88 -0.44 -6.02
CA CYS A 190 -20.15 0.74 -5.52
C CYS A 190 -18.75 0.76 -6.08
N GLN A 191 -18.34 1.90 -6.64
CA GLN A 191 -17.01 2.02 -7.22
C GLN A 191 -16.31 3.29 -6.80
N ALA A 192 -16.92 4.02 -5.87
CA ALA A 192 -16.32 5.27 -5.38
C ALA A 192 -15.78 6.16 -6.50
N PRO A 193 -16.68 6.69 -7.34
CA PRO A 193 -16.23 7.63 -8.37
C PRO A 193 -15.86 8.94 -7.69
N LEU A 194 -14.87 9.65 -8.22
CA LEU A 194 -14.40 10.91 -7.67
C LEU A 194 -14.59 12.02 -8.69
N ASN A 195 -14.96 13.20 -8.19
CA ASN A 195 -15.15 14.35 -9.06
C ASN A 195 -13.80 14.94 -9.46
N GLN A 196 -13.82 15.88 -10.38
CA GLN A 196 -12.57 16.43 -10.89
C GLN A 196 -11.83 17.23 -9.82
N ASN A 197 -12.56 18.02 -9.03
CA ASN A 197 -11.89 18.89 -8.06
C ASN A 197 -11.15 18.10 -6.99
N TRP A 198 -11.69 16.93 -6.59
CA TRP A 198 -11.10 16.15 -5.52
C TRP A 198 -10.34 14.93 -6.00
N VAL A 199 -10.47 14.54 -7.27
CA VAL A 199 -9.71 13.40 -7.76
C VAL A 199 -8.23 13.74 -7.83
N LEU A 200 -7.89 15.00 -8.09
CA LEU A 200 -6.50 15.42 -8.08
C LEU A 200 -5.90 15.26 -6.69
N LEU A 201 -6.67 15.57 -5.65
CA LEU A 201 -6.20 15.35 -4.29
C LEU A 201 -5.96 13.87 -4.01
N CYS A 202 -6.83 13.01 -4.52
CA CYS A 202 -6.61 11.59 -4.35
C CYS A 202 -5.27 11.21 -4.96
N PHE A 203 -5.02 11.68 -6.16
CA PHE A 203 -3.77 11.35 -6.85
C PHE A 203 -2.56 11.81 -6.04
N LEU A 204 -2.65 13.00 -5.42
CA LEU A 204 -1.51 13.56 -4.71
C LEU A 204 -1.19 12.83 -3.41
N LEU A 205 -2.06 11.93 -2.94
CA LEU A 205 -1.73 11.03 -1.85
C LEU A 205 -1.25 9.67 -2.35
N PHE A 206 -0.95 9.56 -3.65
CA PHE A 206 -0.11 8.50 -4.18
C PHE A 206 1.17 9.03 -4.81
N PHE A 207 1.16 10.26 -5.32
CA PHE A 207 2.37 10.85 -5.89
C PHE A 207 3.45 11.01 -4.84
N LEU A 208 3.11 11.63 -3.70
CA LEU A 208 4.09 11.80 -2.63
C LEU A 208 4.60 10.48 -2.07
N PRO A 209 3.78 9.48 -1.78
CA PRO A 209 4.34 8.16 -1.41
C PRO A 209 5.14 7.51 -2.52
N THR A 210 5.08 8.02 -3.75
CA THR A 210 5.87 7.48 -4.84
C THR A 210 7.07 8.33 -5.20
N VAL A 211 6.96 9.65 -5.10
CA VAL A 211 8.09 10.52 -5.43
C VAL A 211 9.23 10.32 -4.44
N VAL A 212 8.90 10.06 -3.18
CA VAL A 212 9.93 9.82 -2.17
C VAL A 212 10.61 8.48 -2.41
N MET A 213 9.84 7.47 -2.82
CA MET A 213 10.42 6.14 -3.02
C MET A 213 11.45 6.14 -4.15
N VAL A 214 11.18 6.82 -5.25
CA VAL A 214 12.09 6.75 -6.39
C VAL A 214 13.27 7.68 -6.21
N PHE A 215 13.05 8.87 -5.65
CA PHE A 215 14.15 9.79 -5.42
C PHE A 215 15.14 9.24 -4.41
N LEU A 216 14.65 8.56 -3.38
CA LEU A 216 15.51 7.95 -2.38
C LEU A 216 16.06 6.60 -2.83
N TYR A 217 15.64 6.10 -3.98
CA TYR A 217 16.24 4.92 -4.57
C TYR A 217 17.10 5.23 -5.78
N GLY A 218 16.90 6.39 -6.41
CA GLY A 218 17.84 6.83 -7.41
C GLY A 218 19.21 7.16 -6.82
N ARG A 219 19.20 7.88 -5.69
CA ARG A 219 20.46 8.21 -5.04
C ARG A 219 21.18 6.97 -4.54
N ILE A 220 20.43 6.03 -3.97
CA ILE A 220 21.05 4.83 -3.42
C ILE A 220 21.66 3.98 -4.53
N PHE A 221 21.02 3.94 -5.69
CA PHE A 221 21.56 3.15 -6.78
C PHE A 221 22.93 3.66 -7.15
N LEU A 222 23.09 4.98 -7.20
CA LEU A 222 24.38 5.56 -7.54
C LEU A 222 25.40 5.30 -6.44
N VAL A 223 25.01 5.55 -5.20
CA VAL A 223 25.92 5.35 -4.08
C VAL A 223 26.40 3.90 -4.04
N ALA A 224 25.48 2.95 -4.21
CA ALA A 224 25.86 1.55 -4.23
C ALA A 224 26.59 1.16 -5.50
N LYS A 225 26.64 2.06 -6.49
CA LYS A 225 27.43 1.82 -7.69
C LYS A 225 28.88 2.24 -7.49
N TYR A 226 29.09 3.46 -6.96
CA TYR A 226 30.43 3.96 -6.74
C TYR A 226 31.18 3.20 -5.67
N GLN A 227 30.50 2.43 -4.83
CA GLN A 227 31.15 1.66 -3.79
C GLN A 227 31.48 0.24 -4.21
N ALA A 228 30.85 -0.27 -5.26
CA ALA A 228 31.27 -1.54 -5.85
C ALA A 228 32.43 -1.38 -6.81
N ARG A 229 32.57 -0.21 -7.43
CA ARG A 229 33.76 0.09 -8.21
C ARG A 229 34.95 0.43 -7.33
N LYS A 230 34.69 0.96 -6.14
CA LYS A 230 35.76 1.31 -5.21
C LYS A 230 36.47 0.08 -4.68
N ILE A 231 35.75 -1.04 -4.57
CA ILE A 231 36.36 -2.26 -4.05
C ILE A 231 37.36 -2.82 -5.04
N GLU A 232 37.02 -2.84 -6.33
CA GLU A 232 37.95 -3.32 -7.35
C GLU A 232 39.09 -2.31 -7.57
N GLU A 253 26.71 -3.27 -7.41
CA GLU A 253 26.47 -2.99 -8.82
C GLU A 253 25.49 -3.99 -9.41
N ARG A 254 25.96 -5.22 -9.61
CA ARG A 254 25.09 -6.26 -10.16
C ARG A 254 23.95 -6.59 -9.20
N LYS A 255 24.22 -6.58 -7.90
CA LYS A 255 23.19 -6.95 -6.93
C LYS A 255 22.33 -5.75 -6.53
N ALA A 256 22.91 -4.55 -6.49
CA ALA A 256 22.13 -3.37 -6.12
C ALA A 256 21.04 -3.07 -7.14
N ALA A 257 21.33 -3.26 -8.42
CA ALA A 257 20.33 -3.01 -9.45
C ALA A 257 19.19 -4.01 -9.36
N LYS A 258 19.49 -5.28 -9.08
CA LYS A 258 18.45 -6.29 -8.98
C LYS A 258 17.56 -6.07 -7.77
N THR A 259 18.17 -5.75 -6.62
CA THR A 259 17.38 -5.55 -5.41
C THR A 259 16.53 -4.30 -5.49
N LEU A 260 17.12 -3.18 -5.92
CA LEU A 260 16.35 -1.95 -6.07
C LEU A 260 15.32 -2.06 -7.18
N GLY A 261 15.60 -2.86 -8.22
CA GLY A 261 14.64 -3.02 -9.29
C GLY A 261 13.36 -3.66 -8.82
N ILE A 262 13.47 -4.74 -8.04
CA ILE A 262 12.28 -5.44 -7.55
C ILE A 262 11.51 -4.56 -6.58
N ALA A 263 12.20 -3.88 -5.67
CA ALA A 263 11.53 -3.04 -4.69
C ALA A 263 10.87 -1.81 -5.31
N MET A 264 11.18 -1.48 -6.55
CA MET A 264 10.55 -0.36 -7.23
C MET A 264 9.61 -0.77 -8.36
N ALA A 265 9.85 -1.91 -8.98
CA ALA A 265 8.95 -2.39 -10.03
C ALA A 265 7.68 -2.98 -9.44
N ALA A 266 7.78 -3.65 -8.29
CA ALA A 266 6.61 -4.21 -7.66
C ALA A 266 5.61 -3.12 -7.27
N PHE A 267 6.11 -2.00 -6.75
CA PHE A 267 5.22 -0.91 -6.37
C PHE A 267 4.65 -0.20 -7.60
N LEU A 268 5.50 0.05 -8.59
CA LEU A 268 5.04 0.83 -9.74
C LEU A 268 4.12 0.02 -10.65
N VAL A 269 4.34 -1.29 -10.76
CA VAL A 269 3.51 -2.09 -11.64
C VAL A 269 2.12 -2.34 -11.10
N SER A 270 1.85 -1.98 -9.84
CA SER A 270 0.55 -2.24 -9.24
C SER A 270 -0.19 -0.95 -8.89
N TRP A 271 0.41 -0.07 -8.08
CA TRP A 271 -0.30 1.12 -7.64
C TRP A 271 -0.43 2.15 -8.75
N LEU A 272 0.63 2.32 -9.55
CA LEU A 272 0.62 3.35 -10.58
C LEU A 272 -0.45 3.13 -11.65
N PRO A 273 -0.59 1.94 -12.27
CA PRO A 273 -1.56 1.81 -13.36
C PRO A 273 -2.99 2.13 -12.96
N TYR A 274 -3.38 1.72 -11.75
CA TYR A 274 -4.74 1.94 -11.28
C TYR A 274 -5.04 3.41 -10.96
N ILE A 275 -4.11 4.09 -10.30
CA ILE A 275 -4.30 5.48 -9.93
C ILE A 275 -4.26 6.36 -11.17
N ILE A 276 -3.43 6.01 -12.15
CA ILE A 276 -3.33 6.80 -13.38
C ILE A 276 -4.67 6.80 -14.12
N ASP A 277 -5.29 5.63 -14.23
CA ASP A 277 -6.59 5.56 -14.88
C ASP A 277 -7.70 6.10 -13.99
N ALA A 278 -7.47 6.21 -12.68
CA ALA A 278 -8.46 6.73 -11.75
C ALA A 278 -8.37 8.24 -11.57
N VAL A 279 -7.34 8.89 -12.10
CA VAL A 279 -7.22 10.34 -11.94
C VAL A 279 -7.74 11.05 -13.19
N ILE A 280 -7.64 10.40 -14.35
CA ILE A 280 -8.06 11.04 -15.60
C ILE A 280 -9.53 10.80 -15.92
N ASP A 281 -10.19 9.91 -15.17
CA ASP A 281 -11.59 9.59 -15.45
C ASP A 281 -12.57 10.65 -14.96
N ALA A 282 -12.05 11.75 -14.42
CA ALA A 282 -12.90 12.84 -13.98
C ALA A 282 -12.77 13.99 -14.96
N TYR A 283 -12.00 13.81 -16.03
CA TYR A 283 -11.84 14.82 -17.06
C TYR A 283 -12.41 14.37 -18.40
N MET A 284 -11.96 13.20 -18.87
CA MET A 284 -12.43 12.64 -20.14
C MET A 284 -13.67 11.80 -19.94
N ASN A 285 -14.71 12.41 -19.37
CA ASN A 285 -15.98 11.73 -19.10
C ASN A 285 -15.67 10.42 -18.36
N PHE A 286 -16.41 9.35 -18.59
CA PHE A 286 -16.22 8.10 -17.87
C PHE A 286 -16.23 6.94 -18.86
N ILE A 287 -15.47 7.09 -19.95
CA ILE A 287 -15.49 6.14 -21.04
C ILE A 287 -14.98 4.78 -20.58
N THR A 288 -14.21 4.75 -19.50
CA THR A 288 -13.65 3.49 -19.04
C THR A 288 -14.73 2.55 -18.55
N PRO A 289 -14.82 1.35 -19.13
CA PRO A 289 -15.88 0.42 -18.75
C PRO A 289 -15.77 0.01 -17.29
N ALA A 290 -16.93 -0.26 -16.68
CA ALA A 290 -16.93 -0.70 -15.30
C ALA A 290 -16.25 -2.06 -15.14
N TYR A 291 -16.41 -2.93 -16.14
CA TYR A 291 -15.85 -4.27 -16.06
C TYR A 291 -14.33 -4.30 -16.12
N VAL A 292 -13.71 -3.24 -16.65
CA VAL A 292 -12.26 -3.20 -16.81
C VAL A 292 -11.68 -2.49 -15.58
N TYR A 293 -12.54 -2.24 -14.59
CA TYR A 293 -12.13 -1.60 -13.36
C TYR A 293 -11.91 -2.57 -12.21
N GLU A 294 -12.50 -3.78 -12.27
CA GLU A 294 -12.28 -4.76 -11.23
C GLU A 294 -10.82 -5.19 -11.17
N ILE A 295 -10.20 -5.41 -12.32
CA ILE A 295 -8.78 -5.77 -12.33
C ILE A 295 -7.96 -4.62 -11.76
N LEU A 296 -8.34 -3.38 -12.08
CA LEU A 296 -7.60 -2.23 -11.58
C LEU A 296 -7.66 -2.13 -10.06
N VAL A 297 -8.85 -2.35 -9.48
CA VAL A 297 -8.92 -2.28 -8.02
C VAL A 297 -8.21 -3.48 -7.40
N TRP A 298 -8.21 -4.64 -8.08
CA TRP A 298 -7.56 -5.81 -7.54
C TRP A 298 -6.04 -5.76 -7.64
N CYS A 299 -5.49 -4.92 -8.52
CA CYS A 299 -4.04 -4.81 -8.63
C CYS A 299 -3.40 -4.35 -7.32
N VAL A 300 -4.01 -3.35 -6.69
CA VAL A 300 -3.48 -2.82 -5.44
C VAL A 300 -3.64 -3.85 -4.33
N TYR A 301 -4.59 -4.76 -4.49
CA TYR A 301 -4.82 -5.81 -3.53
C TYR A 301 -3.72 -6.83 -3.71
N TYR A 302 -3.31 -7.02 -4.96
CA TYR A 302 -2.24 -7.94 -5.28
C TYR A 302 -0.96 -7.39 -4.67
N ASN A 303 -0.74 -6.10 -4.85
CA ASN A 303 0.44 -5.45 -4.31
C ASN A 303 0.54 -5.67 -2.80
N SER A 304 -0.56 -5.48 -2.09
CA SER A 304 -0.58 -5.68 -0.65
C SER A 304 -0.32 -7.12 -0.26
N ALA A 305 -0.57 -8.08 -1.15
CA ALA A 305 -0.28 -9.47 -0.86
C ALA A 305 1.21 -9.80 -0.99
N MET A 306 1.91 -9.20 -1.96
CA MET A 306 3.33 -9.44 -2.16
C MET A 306 4.22 -8.63 -1.23
N ASN A 307 3.68 -7.62 -0.55
CA ASN A 307 4.53 -6.75 0.26
C ASN A 307 5.36 -7.56 1.29
N PRO A 308 4.69 -8.36 2.14
CA PRO A 308 5.52 -9.10 3.12
C PRO A 308 6.51 -10.06 2.47
N LEU A 309 6.56 -10.11 1.14
CA LEU A 309 7.48 -10.98 0.44
C LEU A 309 8.68 -10.24 -0.12
N ILE A 310 8.49 -9.03 -0.62
CA ILE A 310 9.62 -8.22 -1.04
C ILE A 310 10.40 -7.74 0.18
N TYR A 311 9.69 -7.34 1.23
CA TYR A 311 10.31 -6.95 2.49
C TYR A 311 10.19 -8.11 3.47
N ALA A 312 11.22 -8.27 4.30
CA ALA A 312 11.26 -9.23 5.41
C ALA A 312 11.28 -10.68 4.96
N PHE A 313 11.30 -10.92 3.65
CA PHE A 313 11.38 -12.29 3.14
C PHE A 313 12.52 -12.43 2.13
N PHE A 314 12.94 -11.33 1.52
CA PHE A 314 14.03 -11.36 0.55
C PHE A 314 15.36 -11.19 1.24
N TYR A 315 15.34 -10.96 2.54
CA TYR A 315 16.56 -10.74 3.30
C TYR A 315 16.91 -11.99 4.10
N PRO A 316 18.20 -12.31 4.25
CA PRO A 316 18.57 -13.57 4.90
C PRO A 316 18.53 -13.49 6.41
N TRP A 317 18.63 -12.29 6.98
CA TRP A 317 18.58 -12.14 8.42
C TRP A 317 17.23 -12.50 9.01
N PHE A 318 16.17 -12.49 8.20
CA PHE A 318 14.85 -12.87 8.67
C PHE A 318 14.61 -14.38 8.49
N ARG A 319 14.99 -14.93 7.34
CA ARG A 319 14.86 -16.37 7.14
C ARG A 319 15.73 -17.13 8.12
N LYS A 320 16.93 -16.64 8.41
CA LYS A 320 17.79 -17.31 9.38
C LYS A 320 17.15 -17.35 10.76
N ALA A 321 16.57 -16.22 11.19
CA ALA A 321 15.93 -16.18 12.51
C ALA A 321 14.65 -17.00 12.55
N ILE A 322 13.95 -17.14 11.43
CA ILE A 322 12.71 -17.91 11.42
C ILE A 322 12.94 -19.39 11.19
N LYS A 323 14.11 -19.78 10.68
CA LYS A 323 14.42 -21.19 10.45
C LYS A 323 14.74 -21.94 11.73
N LEU A 324 14.85 -21.24 12.86
CA LEU A 324 15.13 -21.86 14.15
C LEU A 324 13.87 -22.36 14.84
N ILE A 325 12.80 -22.61 14.08
CA ILE A 325 11.57 -23.12 14.68
C ILE A 325 11.80 -24.50 15.27
N VAL A 326 12.44 -25.38 14.51
CA VAL A 326 12.72 -26.74 14.97
C VAL A 326 14.18 -27.08 14.72
C1' PEA B . -8.03 3.47 -2.93
C6' PEA B . -7.14 4.34 -2.32
C5' PEA B . -7.16 5.69 -2.63
C4' PEA B . -8.09 6.16 -3.55
C3' PEA B . -8.98 5.29 -4.15
C2' PEA B . -8.95 3.95 -3.84
C2 PEA B . -7.98 1.98 -2.59
C1 PEA B . -8.63 1.18 -3.72
N PEA B . -8.14 -0.20 -3.65
#